data_8PTS
#
_entry.id   8PTS
#
_cell.length_a   132.773
_cell.length_b   54.273
_cell.length_c   58.957
_cell.angle_alpha   90.00
_cell.angle_beta   108.79
_cell.angle_gamma   90.00
#
_symmetry.space_group_name_H-M   'C 1 2 1'
#
loop_
_entity.id
_entity.type
_entity.pdbx_description
1 polymer 'Guanylate kinase'
2 non-polymer '[(2~{R},3~{R},4~{R},5~{R})-5-(2-azanyl-6-oxidanylidene-1~{H}-purin-9-yl)-4-fluoranyl-4-methyl-3-oxidanyl-oxolan-2-yl]methyl dihydrogen phosphate'
3 non-polymer GLYCEROL
4 water water
#
_entity_poly.entity_id   1
_entity_poly.type   'polypeptide(L)'
_entity_poly.pdbx_seq_one_letter_code
;MSGPRPVVLSGPSGAGKSTLLKRLLQEHSGIFGFSVSHTTRNPRPGEENGKDYYFVTREVMQRDIAAGDFIEHAEFSGNL
YGTSKVAVQAVQAMNRICVLDVDLQGVRNIKATDLRPIYISVQPPSLHVLEQRLRQRNTETEESLVKRLAAAQADMESSK
EPGLFDVVIINDSLDQAYAELKEALSEEIKKAQRTGA
;
_entity_poly.pdbx_strand_id   A,B
#
# COMPACT_ATOMS: atom_id res chain seq x y z
N MET A 1 -8.62 23.47 -21.15
CA MET A 1 -8.18 22.13 -21.53
C MET A 1 -6.68 22.09 -21.89
N SER A 2 -5.97 23.26 -21.96
CA SER A 2 -4.52 23.20 -22.17
C SER A 2 -3.89 22.68 -20.86
N GLY A 3 -2.76 22.04 -21.00
CA GLY A 3 -2.04 21.54 -19.86
C GLY A 3 -1.38 20.22 -20.21
N PRO A 4 -0.65 19.66 -19.23
CA PRO A 4 0.07 18.41 -19.50
C PRO A 4 -0.87 17.26 -19.92
N ARG A 5 -0.39 16.36 -20.79
CA ARG A 5 -1.18 15.20 -21.19
C ARG A 5 -1.28 14.24 -20.01
N PRO A 6 -2.46 13.66 -19.77
CA PRO A 6 -2.56 12.64 -18.71
C PRO A 6 -1.71 11.39 -19.03
N VAL A 7 -1.40 10.61 -18.02
CA VAL A 7 -0.64 9.37 -18.18
C VAL A 7 -1.49 8.23 -17.68
N VAL A 8 -1.71 7.23 -18.52
CA VAL A 8 -2.41 6.03 -18.10
C VAL A 8 -1.29 5.03 -17.81
N LEU A 9 -1.21 4.59 -16.58
CA LEU A 9 -0.17 3.69 -16.12
C LEU A 9 -0.83 2.40 -15.78
N SER A 10 -0.38 1.32 -16.40
CA SER A 10 -1.02 0.03 -16.20
C SER A 10 0.04 -1.09 -16.13
N GLY A 11 -0.40 -2.32 -16.21
CA GLY A 11 0.45 -3.48 -16.02
C GLY A 11 -0.06 -4.29 -14.85
N PRO A 12 0.45 -5.51 -14.68
CA PRO A 12 -0.04 -6.35 -13.59
C PRO A 12 0.20 -5.72 -12.22
N SER A 13 -0.77 -5.85 -11.29
CA SER A 13 -0.56 -5.37 -9.93
C SER A 13 0.58 -6.20 -9.27
N GLY A 14 1.48 -5.50 -8.61
CA GLY A 14 2.65 -6.14 -8.01
C GLY A 14 3.85 -6.22 -8.92
N ALA A 15 3.71 -5.84 -10.19
CA ALA A 15 4.85 -5.92 -11.12
C ALA A 15 5.74 -4.67 -11.14
N GLY A 16 5.36 -3.63 -10.40
CA GLY A 16 6.20 -2.46 -10.28
C GLY A 16 5.56 -1.12 -10.50
N LYS A 17 4.36 -1.06 -11.14
CA LYS A 17 3.75 0.24 -11.44
C LYS A 17 3.55 1.08 -10.18
N SER A 18 3.13 0.46 -9.06
CA SER A 18 2.91 1.22 -7.82
C SER A 18 4.19 1.77 -7.24
N THR A 19 5.25 0.96 -7.21
CA THR A 19 6.56 1.39 -6.69
C THR A 19 7.16 2.54 -7.54
N LEU A 20 7.03 2.41 -8.88
CA LEU A 20 7.55 3.45 -9.78
C LEU A 20 6.75 4.75 -9.63
N LEU A 21 5.43 4.61 -9.50
CA LEU A 21 4.56 5.76 -9.30
C LEU A 21 4.93 6.49 -7.99
N LYS A 22 5.20 5.75 -6.90
CA LYS A 22 5.60 6.41 -5.64
C LYS A 22 6.89 7.21 -5.80
N ARG A 23 7.87 6.65 -6.51
CA ARG A 23 9.14 7.34 -6.72
C ARG A 23 8.94 8.58 -7.61
N LEU A 24 8.10 8.45 -8.64
CA LEU A 24 7.75 9.54 -9.53
C LEU A 24 7.18 10.74 -8.72
N LEU A 25 6.21 10.47 -7.83
CA LEU A 25 5.60 11.50 -7.01
C LEU A 25 6.59 12.08 -6.03
N GLN A 26 7.43 11.23 -5.42
CA GLN A 26 8.39 11.71 -4.43
C GLN A 26 9.44 12.62 -5.05
N GLU A 27 9.89 12.31 -6.25
CA GLU A 27 10.93 13.08 -6.93
C GLU A 27 10.43 14.31 -7.69
N HIS A 28 9.12 14.39 -7.95
CA HIS A 28 8.49 15.48 -8.70
C HIS A 28 7.28 16.05 -7.96
N SER A 29 7.52 16.64 -6.81
CA SER A 29 6.46 17.27 -6.01
C SER A 29 5.84 18.43 -6.80
N GLY A 30 4.52 18.45 -6.95
CA GLY A 30 3.82 19.49 -7.68
C GLY A 30 3.66 19.29 -9.19
N ILE A 31 4.13 18.16 -9.73
CA ILE A 31 4.01 17.91 -11.18
C ILE A 31 2.86 17.00 -11.52
N PHE A 32 2.65 15.99 -10.69
CA PHE A 32 1.62 14.99 -10.91
C PHE A 32 0.41 15.22 -10.03
N GLY A 33 -0.72 14.73 -10.49
CA GLY A 33 -1.96 14.87 -9.76
C GLY A 33 -2.87 13.70 -9.98
N PHE A 34 -3.74 13.45 -9.02
CA PHE A 34 -4.71 12.40 -9.11
C PHE A 34 -6.06 13.08 -9.24
N SER A 35 -6.88 12.55 -10.12
CA SER A 35 -8.21 13.11 -10.32
C SER A 35 -9.11 12.72 -9.16
N VAL A 36 -10.06 13.60 -8.84
CA VAL A 36 -11.03 13.29 -7.80
C VAL A 36 -12.06 12.35 -8.43
N SER A 37 -12.00 11.08 -8.07
CA SER A 37 -12.89 10.06 -8.61
C SER A 37 -14.28 10.17 -7.98
N HIS A 38 -15.28 9.63 -8.65
CA HIS A 38 -16.62 9.50 -8.10
C HIS A 38 -16.67 8.12 -7.42
N THR A 39 -17.44 7.98 -6.36
CA THR A 39 -17.68 6.68 -5.74
C THR A 39 -19.06 6.60 -5.18
N THR A 40 -19.65 5.39 -5.13
CA THR A 40 -20.96 5.21 -4.51
C THR A 40 -20.84 4.80 -3.03
N ARG A 41 -19.62 4.54 -2.52
CA ARG A 41 -19.46 4.17 -1.12
C ARG A 41 -19.69 5.37 -0.21
N ASN A 42 -20.08 5.11 1.04
CA ASN A 42 -20.30 6.19 1.99
C ASN A 42 -18.97 6.80 2.38
N PRO A 43 -18.93 8.13 2.56
CA PRO A 43 -17.69 8.75 3.00
C PRO A 43 -17.31 8.31 4.42
N ARG A 44 -16.00 8.21 4.66
CA ARG A 44 -15.43 7.89 5.94
C ARG A 44 -15.05 9.17 6.70
N PRO A 45 -14.90 9.12 8.04
CA PRO A 45 -14.53 10.32 8.80
C PRO A 45 -13.32 11.05 8.24
N GLY A 46 -13.45 12.35 8.07
CA GLY A 46 -12.37 13.16 7.51
C GLY A 46 -12.40 13.29 6.00
N GLU A 47 -13.16 12.42 5.29
CA GLU A 47 -13.26 12.55 3.85
C GLU A 47 -14.21 13.69 3.52
N GLU A 48 -13.87 14.46 2.50
CA GLU A 48 -14.65 15.59 2.05
C GLU A 48 -15.10 15.40 0.61
N ASN A 49 -16.38 15.69 0.35
CA ASN A 49 -16.93 15.60 -1.00
C ASN A 49 -16.24 16.66 -1.87
N GLY A 50 -15.82 16.27 -3.07
CA GLY A 50 -15.13 17.16 -3.98
C GLY A 50 -13.62 17.22 -3.80
N LYS A 51 -13.08 16.55 -2.76
CA LYS A 51 -11.65 16.55 -2.51
C LYS A 51 -11.16 15.12 -2.51
N ASP A 52 -11.71 14.23 -1.65
CA ASP A 52 -11.27 12.85 -1.62
C ASP A 52 -11.96 12.05 -2.74
N TYR A 53 -13.27 12.31 -2.91
CA TYR A 53 -14.12 11.71 -3.92
C TYR A 53 -15.33 12.61 -4.12
N TYR A 54 -16.07 12.40 -5.23
CA TYR A 54 -17.38 12.97 -5.41
C TYR A 54 -18.26 11.81 -4.97
N PHE A 55 -18.94 11.96 -3.82
CA PHE A 55 -19.78 10.92 -3.26
C PHE A 55 -21.17 10.99 -3.87
N VAL A 56 -21.50 10.00 -4.70
CA VAL A 56 -22.80 9.97 -5.39
C VAL A 56 -23.52 8.64 -5.17
N THR A 57 -24.79 8.57 -5.53
CA THR A 57 -25.56 7.33 -5.45
C THR A 57 -25.29 6.48 -6.70
N ARG A 58 -25.67 5.20 -6.65
CA ARG A 58 -25.55 4.31 -7.80
C ARG A 58 -26.42 4.84 -8.96
N GLU A 59 -27.61 5.38 -8.65
CA GLU A 59 -28.51 5.90 -9.67
C GLU A 59 -27.90 7.09 -10.42
N VAL A 60 -27.21 7.98 -9.70
CA VAL A 60 -26.54 9.12 -10.31
C VAL A 60 -25.32 8.69 -11.12
N MET A 61 -24.51 7.79 -10.56
CA MET A 61 -23.32 7.30 -11.27
C MET A 61 -23.70 6.60 -12.59
N GLN A 62 -24.76 5.80 -12.58
CA GLN A 62 -25.23 5.10 -13.77
C GLN A 62 -25.76 6.11 -14.79
N ARG A 63 -26.48 7.14 -14.34
CA ARG A 63 -26.98 8.17 -15.24
C ARG A 63 -25.83 8.95 -15.91
N ASP A 64 -24.80 9.30 -15.14
CA ASP A 64 -23.63 10.03 -15.65
C ASP A 64 -22.79 9.17 -16.60
N ILE A 65 -22.64 7.88 -16.28
CA ILE A 65 -21.90 6.95 -17.15
C ILE A 65 -22.64 6.83 -18.49
N ALA A 66 -23.98 6.71 -18.44
CA ALA A 66 -24.78 6.59 -19.66
C ALA A 66 -24.68 7.88 -20.50
N ALA A 67 -24.58 9.04 -19.84
CA ALA A 67 -24.45 10.32 -20.54
C ALA A 67 -23.04 10.51 -21.20
N GLY A 68 -22.09 9.63 -20.92
CA GLY A 68 -20.75 9.69 -21.48
C GLY A 68 -19.80 10.59 -20.71
N ASP A 69 -20.11 10.86 -19.42
CA ASP A 69 -19.29 11.74 -18.56
C ASP A 69 -18.03 11.10 -18.00
N PHE A 70 -17.92 9.76 -18.09
CA PHE A 70 -16.79 9.08 -17.50
C PHE A 70 -15.83 8.53 -18.54
N ILE A 71 -14.55 8.55 -18.20
CA ILE A 71 -13.52 7.95 -19.05
C ILE A 71 -13.28 6.47 -18.71
N GLU A 72 -13.61 6.07 -17.48
CA GLU A 72 -13.49 4.71 -16.99
C GLU A 72 -14.28 4.56 -15.70
N HIS A 73 -14.76 3.35 -15.44
CA HIS A 73 -15.44 3.04 -14.18
C HIS A 73 -15.33 1.54 -13.89
N ALA A 74 -15.47 1.15 -12.61
CA ALA A 74 -15.40 -0.25 -12.20
C ALA A 74 -16.01 -0.47 -10.82
N GLU A 75 -16.38 -1.72 -10.52
CA GLU A 75 -16.94 -2.13 -9.25
C GLU A 75 -15.79 -2.63 -8.35
N PHE A 76 -15.80 -2.26 -7.06
CA PHE A 76 -14.81 -2.69 -6.08
C PHE A 76 -15.50 -2.82 -4.74
N SER A 77 -15.49 -4.04 -4.15
CA SER A 77 -16.06 -4.29 -2.82
C SER A 77 -17.51 -3.81 -2.65
N GLY A 78 -18.33 -4.05 -3.66
CA GLY A 78 -19.75 -3.71 -3.60
C GLY A 78 -20.07 -2.26 -3.87
N ASN A 79 -19.09 -1.49 -4.37
CA ASN A 79 -19.34 -0.07 -4.69
C ASN A 79 -18.75 0.30 -6.04
N LEU A 80 -19.35 1.28 -6.71
CA LEU A 80 -18.88 1.74 -8.02
C LEU A 80 -17.89 2.89 -7.83
N TYR A 81 -16.85 2.91 -8.65
CA TYR A 81 -15.85 3.96 -8.63
C TYR A 81 -15.60 4.34 -10.10
N GLY A 82 -15.20 5.58 -10.34
CA GLY A 82 -14.92 5.99 -11.71
C GLY A 82 -14.32 7.37 -11.85
N THR A 83 -13.64 7.58 -12.98
CA THR A 83 -13.02 8.86 -13.27
C THR A 83 -13.80 9.65 -14.31
N SER A 84 -14.31 10.82 -13.94
CA SER A 84 -15.03 11.66 -14.89
C SER A 84 -14.05 12.42 -15.75
N LYS A 85 -14.48 12.80 -16.98
CA LYS A 85 -13.60 13.61 -17.85
C LYS A 85 -13.32 14.99 -17.17
N VAL A 86 -14.33 15.55 -16.49
CA VAL A 86 -14.17 16.84 -15.77
C VAL A 86 -13.10 16.74 -14.70
N ALA A 87 -13.07 15.64 -13.92
CA ALA A 87 -12.04 15.48 -12.88
C ALA A 87 -10.63 15.43 -13.46
N VAL A 88 -10.45 14.82 -14.64
CA VAL A 88 -9.14 14.79 -15.29
C VAL A 88 -8.76 16.17 -15.77
N GLN A 89 -9.72 16.86 -16.42
CA GLN A 89 -9.48 18.21 -16.88
C GLN A 89 -9.20 19.15 -15.73
N ALA A 90 -9.74 18.89 -14.52
CA ALA A 90 -9.48 19.75 -13.35
C ALA A 90 -8.00 19.64 -12.94
N VAL A 91 -7.39 18.44 -13.07
CA VAL A 91 -5.97 18.26 -12.75
C VAL A 91 -5.13 18.96 -13.82
N GLN A 92 -5.52 18.80 -15.09
CA GLN A 92 -4.89 19.45 -16.23
C GLN A 92 -4.91 20.98 -16.10
N ALA A 93 -6.03 21.55 -15.61
CA ALA A 93 -6.19 22.99 -15.36
C ALA A 93 -5.18 23.51 -14.34
N MET A 94 -4.72 22.66 -13.41
CA MET A 94 -3.68 23.01 -12.43
C MET A 94 -2.27 22.82 -12.99
N ASN A 95 -2.12 22.61 -14.33
CA ASN A 95 -0.84 22.34 -14.99
C ASN A 95 -0.17 21.10 -14.39
N ARG A 96 -0.99 20.07 -14.10
CA ARG A 96 -0.43 18.83 -13.53
C ARG A 96 -0.69 17.68 -14.48
N ILE A 97 0.18 16.67 -14.42
CA ILE A 97 0.03 15.45 -15.19
C ILE A 97 -0.89 14.57 -14.39
N CYS A 98 -2.06 14.30 -14.93
CA CYS A 98 -3.04 13.46 -14.25
C CYS A 98 -2.65 12.00 -14.42
N VAL A 99 -2.39 11.32 -13.31
CA VAL A 99 -2.01 9.90 -13.40
C VAL A 99 -3.23 9.04 -13.24
N LEU A 100 -3.47 8.17 -14.22
CA LEU A 100 -4.60 7.28 -14.18
C LEU A 100 -4.02 5.86 -14.04
N ASP A 101 -3.95 5.37 -12.82
CA ASP A 101 -3.38 4.06 -12.52
C ASP A 101 -4.53 3.08 -12.60
N VAL A 102 -4.59 2.33 -13.71
CA VAL A 102 -5.73 1.46 -13.94
C VAL A 102 -5.31 0.05 -14.41
N ASP A 103 -6.26 -0.89 -14.36
CA ASP A 103 -6.00 -2.24 -14.89
C ASP A 103 -6.28 -2.26 -16.42
N LEU A 104 -6.12 -3.43 -17.07
CA LEU A 104 -6.38 -3.54 -18.50
C LEU A 104 -7.79 -3.10 -18.91
N GLN A 105 -8.80 -3.44 -18.11
CA GLN A 105 -10.18 -3.02 -18.37
C GLN A 105 -10.28 -1.47 -18.41
N GLY A 106 -9.57 -0.82 -17.51
CA GLY A 106 -9.51 0.64 -17.44
C GLY A 106 -8.85 1.22 -18.67
N VAL A 107 -7.75 0.59 -19.12
CA VAL A 107 -7.04 1.06 -20.32
C VAL A 107 -7.97 1.02 -21.54
N ARG A 108 -8.70 -0.09 -21.71
CA ARG A 108 -9.63 -0.28 -22.82
C ARG A 108 -10.80 0.69 -22.74
N ASN A 109 -11.29 1.00 -21.52
CA ASN A 109 -12.37 1.97 -21.34
C ASN A 109 -11.90 3.35 -21.77
N ILE A 110 -10.67 3.77 -21.33
CA ILE A 110 -10.10 5.07 -21.67
C ILE A 110 -9.79 5.19 -23.16
N LYS A 111 -9.37 4.09 -23.78
CA LYS A 111 -9.12 4.03 -25.22
C LYS A 111 -10.38 4.37 -26.03
N ALA A 112 -11.57 4.07 -25.48
CA ALA A 112 -12.86 4.34 -26.12
C ALA A 112 -13.39 5.77 -25.91
N THR A 113 -12.58 6.66 -25.30
CA THR A 113 -12.95 8.05 -25.06
C THR A 113 -12.12 8.98 -25.98
N ASP A 114 -12.43 10.29 -25.98
CA ASP A 114 -11.67 11.27 -26.77
C ASP A 114 -10.43 11.82 -26.04
N LEU A 115 -10.07 11.27 -24.85
CA LEU A 115 -8.87 11.71 -24.15
C LEU A 115 -7.61 11.24 -24.92
N ARG A 116 -6.52 12.02 -24.87
CA ARG A 116 -5.25 11.68 -25.53
C ARG A 116 -4.11 11.48 -24.50
N PRO A 117 -4.22 10.46 -23.63
CA PRO A 117 -3.16 10.26 -22.65
C PRO A 117 -1.97 9.53 -23.25
N ILE A 118 -0.88 9.45 -22.49
CA ILE A 118 0.27 8.63 -22.85
C ILE A 118 -0.01 7.29 -22.12
N TYR A 119 0.01 6.16 -22.82
CA TYR A 119 -0.29 4.87 -22.25
C TYR A 119 0.99 4.12 -21.98
N ILE A 120 1.23 3.78 -20.72
CA ILE A 120 2.45 3.08 -20.33
C ILE A 120 2.10 1.81 -19.56
N SER A 121 2.70 0.67 -19.92
CA SER A 121 2.49 -0.56 -19.17
C SER A 121 3.79 -0.97 -18.47
N VAL A 122 3.72 -1.32 -17.20
CA VAL A 122 4.89 -1.79 -16.44
C VAL A 122 4.72 -3.28 -16.23
N GLN A 123 5.55 -4.06 -16.91
CA GLN A 123 5.49 -5.51 -16.94
C GLN A 123 6.57 -6.17 -16.10
N PRO A 124 6.25 -7.31 -15.49
CA PRO A 124 7.31 -8.08 -14.81
C PRO A 124 8.18 -8.74 -15.89
N PRO A 125 9.43 -9.09 -15.56
CA PRO A 125 10.28 -9.78 -16.56
C PRO A 125 9.64 -11.10 -17.03
N SER A 126 8.96 -11.78 -16.11
CA SER A 126 8.25 -13.01 -16.42
C SER A 126 7.13 -13.21 -15.41
N LEU A 127 6.17 -14.07 -15.75
CA LEU A 127 5.12 -14.45 -14.81
C LEU A 127 5.78 -15.19 -13.61
N HIS A 128 6.87 -15.94 -13.83
CA HIS A 128 7.61 -16.64 -12.79
C HIS A 128 8.14 -15.64 -11.76
N VAL A 129 8.74 -14.53 -12.24
CA VAL A 129 9.27 -13.49 -11.38
C VAL A 129 8.15 -12.80 -10.60
N LEU A 130 6.99 -12.57 -11.25
CA LEU A 130 5.86 -11.98 -10.57
C LEU A 130 5.38 -12.91 -9.47
N GLU A 131 5.29 -14.21 -9.77
CA GLU A 131 4.91 -15.21 -8.80
C GLU A 131 5.91 -15.23 -7.63
N GLN A 132 7.23 -15.22 -7.88
CA GLN A 132 8.23 -15.24 -6.81
C GLN A 132 8.18 -13.98 -5.95
N ARG A 133 7.89 -12.81 -6.56
CA ARG A 133 7.77 -11.55 -5.84
C ARG A 133 6.52 -11.60 -4.95
N LEU A 134 5.40 -12.14 -5.48
CA LEU A 134 4.14 -12.27 -4.72
C LEU A 134 4.28 -13.32 -3.59
N ARG A 135 5.00 -14.44 -3.84
CA ARG A 135 5.25 -15.50 -2.84
C ARG A 135 6.13 -14.99 -1.72
N GLN A 136 7.10 -14.11 -2.04
CA GLN A 136 8.00 -13.45 -1.09
C GLN A 136 7.21 -12.53 -0.12
N ARG A 137 6.01 -12.07 -0.53
CA ARG A 137 5.20 -11.20 0.31
C ARG A 137 4.36 -11.93 1.37
N ASN A 138 3.93 -13.18 1.11
CA ASN A 138 3.05 -13.92 2.05
C ASN A 138 1.59 -13.40 2.09
N THR A 139 1.21 -12.59 1.11
CA THR A 139 -0.15 -12.05 1.01
C THR A 139 -1.14 -13.02 0.30
N GLU A 140 -0.65 -14.18 -0.18
CA GLU A 140 -1.48 -15.12 -0.91
C GLU A 140 -1.56 -16.54 -0.33
N THR A 141 -2.70 -17.14 -0.67
CA THR A 141 -2.94 -18.56 -0.43
C THR A 141 -2.71 -19.13 -1.82
N GLU A 142 -2.57 -20.44 -1.99
CA GLU A 142 -2.29 -20.92 -3.37
C GLU A 142 -3.42 -20.49 -4.30
N GLU A 143 -4.67 -20.54 -3.85
CA GLU A 143 -5.83 -20.21 -4.71
C GLU A 143 -5.84 -18.75 -5.14
N SER A 144 -5.60 -17.82 -4.18
CA SER A 144 -5.57 -16.39 -4.48
C SER A 144 -4.33 -16.05 -5.32
N LEU A 145 -3.20 -16.74 -5.11
CA LEU A 145 -2.00 -16.51 -5.93
C LEU A 145 -2.32 -16.92 -7.38
N VAL A 146 -3.00 -18.08 -7.55
CA VAL A 146 -3.39 -18.59 -8.86
C VAL A 146 -4.32 -17.60 -9.59
N LYS A 147 -5.37 -17.10 -8.92
CA LYS A 147 -6.28 -16.12 -9.54
C LYS A 147 -5.54 -14.86 -9.98
N ARG A 148 -4.61 -14.37 -9.15
CA ARG A 148 -3.83 -13.18 -9.47
C ARG A 148 -2.94 -13.43 -10.67
N LEU A 149 -2.27 -14.59 -10.71
CA LEU A 149 -1.38 -14.93 -11.79
C LEU A 149 -2.11 -15.11 -13.13
N ALA A 150 -3.33 -15.66 -13.09
CA ALA A 150 -4.13 -15.82 -14.30
C ALA A 150 -4.49 -14.44 -14.88
N ALA A 151 -4.90 -13.50 -14.01
CA ALA A 151 -5.23 -12.14 -14.44
C ALA A 151 -3.98 -11.43 -14.96
N ALA A 152 -2.83 -11.68 -14.31
CA ALA A 152 -1.58 -11.07 -14.71
C ALA A 152 -1.15 -11.57 -16.09
N GLN A 153 -1.27 -12.88 -16.35
CA GLN A 153 -0.91 -13.44 -17.66
C GLN A 153 -1.79 -12.84 -18.75
N ALA A 154 -3.09 -12.65 -18.47
CA ALA A 154 -4.00 -12.01 -19.45
C ALA A 154 -3.52 -10.58 -19.77
N ASP A 155 -3.09 -9.83 -18.74
CA ASP A 155 -2.56 -8.47 -18.88
C ASP A 155 -1.27 -8.52 -19.71
N MET A 156 -0.34 -9.43 -19.38
CA MET A 156 0.92 -9.54 -20.09
C MET A 156 0.70 -9.88 -21.56
N GLU A 157 -0.21 -10.80 -21.83
CA GLU A 157 -0.51 -11.19 -23.22
C GLU A 157 -1.13 -10.03 -23.99
N SER A 158 -2.01 -9.27 -23.33
CA SER A 158 -2.64 -8.13 -23.97
C SER A 158 -1.70 -6.93 -24.16
N SER A 159 -0.66 -6.81 -23.32
CA SER A 159 0.29 -5.68 -23.43
C SER A 159 1.03 -5.67 -24.76
N LYS A 160 1.08 -6.82 -25.45
CA LYS A 160 1.78 -6.97 -26.72
C LYS A 160 0.96 -6.48 -27.93
N GLU A 161 -0.34 -6.14 -27.73
CA GLU A 161 -1.22 -5.69 -28.80
C GLU A 161 -0.66 -4.42 -29.44
N PRO A 162 -0.42 -4.42 -30.77
CA PRO A 162 0.12 -3.22 -31.42
C PRO A 162 -0.71 -1.97 -31.20
N GLY A 163 -0.03 -0.88 -30.86
CA GLY A 163 -0.69 0.40 -30.64
C GLY A 163 -1.42 0.53 -29.33
N LEU A 164 -1.49 -0.56 -28.52
CA LEU A 164 -2.20 -0.46 -27.22
C LEU A 164 -1.47 0.44 -26.26
N PHE A 165 -0.18 0.18 -26.03
CA PHE A 165 0.62 1.04 -25.17
C PHE A 165 1.62 1.82 -25.99
N ASP A 166 1.84 3.09 -25.61
CA ASP A 166 2.89 3.89 -26.24
C ASP A 166 4.25 3.37 -25.78
N VAL A 167 4.37 3.00 -24.48
CA VAL A 167 5.62 2.50 -23.91
C VAL A 167 5.34 1.25 -23.06
N VAL A 168 6.10 0.19 -23.25
CA VAL A 168 5.97 -1.01 -22.40
C VAL A 168 7.32 -1.16 -21.71
N ILE A 169 7.32 -1.04 -20.41
CA ILE A 169 8.53 -1.11 -19.62
C ILE A 169 8.63 -2.47 -18.98
N ILE A 170 9.72 -3.20 -19.27
CA ILE A 170 9.95 -4.50 -18.63
C ILE A 170 10.78 -4.23 -17.38
N ASN A 171 10.18 -4.42 -16.22
CA ASN A 171 10.81 -4.13 -14.94
C ASN A 171 11.81 -5.21 -14.49
N ASP A 172 13.01 -5.21 -15.11
CA ASP A 172 14.11 -6.11 -14.70
C ASP A 172 14.63 -5.56 -13.36
N SER A 173 14.88 -4.24 -13.29
CA SER A 173 15.34 -3.63 -12.04
C SER A 173 14.67 -2.29 -11.87
N LEU A 174 14.23 -1.96 -10.64
CA LEU A 174 13.48 -0.74 -10.39
C LEU A 174 14.15 0.52 -10.91
N ASP A 175 15.47 0.69 -10.70
CA ASP A 175 16.15 1.90 -11.18
C ASP A 175 16.12 1.99 -12.70
N GLN A 176 16.32 0.87 -13.40
CA GLN A 176 16.30 0.87 -14.86
C GLN A 176 14.87 1.18 -15.35
N ALA A 177 13.87 0.51 -14.77
CA ALA A 177 12.47 0.74 -15.15
C ALA A 177 12.02 2.21 -14.86
N TYR A 178 12.46 2.74 -13.74
CA TYR A 178 12.16 4.11 -13.36
C TYR A 178 12.79 5.09 -14.36
N ALA A 179 14.03 4.83 -14.79
CA ALA A 179 14.68 5.69 -15.79
C ALA A 179 13.87 5.70 -17.10
N GLU A 180 13.34 4.54 -17.52
CA GLU A 180 12.52 4.47 -18.74
C GLU A 180 11.20 5.22 -18.59
N LEU A 181 10.62 5.15 -17.39
CA LEU A 181 9.37 5.85 -17.09
C LEU A 181 9.58 7.34 -17.15
N LYS A 182 10.65 7.84 -16.48
CA LYS A 182 10.99 9.27 -16.50
C LYS A 182 11.27 9.72 -17.91
N GLU A 183 12.00 8.91 -18.70
CA GLU A 183 12.29 9.25 -20.09
C GLU A 183 11.02 9.37 -20.90
N ALA A 184 10.10 8.43 -20.76
CA ALA A 184 8.83 8.46 -21.50
C ALA A 184 8.00 9.71 -21.18
N LEU A 185 8.11 10.22 -19.95
CA LEU A 185 7.32 11.39 -19.53
C LEU A 185 8.12 12.69 -19.51
N SER A 186 9.39 12.68 -19.92
CA SER A 186 10.27 13.85 -19.81
C SER A 186 9.71 15.09 -20.48
N GLU A 187 9.11 14.95 -21.67
CA GLU A 187 8.52 16.10 -22.35
C GLU A 187 7.34 16.69 -21.61
N GLU A 188 6.48 15.85 -21.00
CA GLU A 188 5.35 16.37 -20.25
C GLU A 188 5.78 16.93 -18.90
N ILE A 189 6.81 16.32 -18.27
CA ILE A 189 7.32 16.83 -17.00
C ILE A 189 7.91 18.23 -17.24
N LYS A 190 8.72 18.38 -18.29
CA LYS A 190 9.31 19.67 -18.65
C LYS A 190 8.26 20.78 -18.82
N LYS A 191 7.10 20.44 -19.41
CA LYS A 191 5.98 21.36 -19.61
C LYS A 191 5.33 21.74 -18.30
N ALA A 192 5.10 20.77 -17.40
CA ALA A 192 4.51 21.03 -16.08
C ALA A 192 5.48 21.79 -15.14
N GLN A 193 6.79 21.67 -15.37
CA GLN A 193 7.79 22.33 -14.53
C GLN A 193 7.94 23.80 -14.88
N ARG A 194 7.92 24.11 -16.18
CA ARG A 194 8.16 25.46 -16.67
C ARG A 194 6.90 26.13 -17.18
N THR A 195 5.91 26.29 -16.29
CA THR A 195 4.67 26.98 -16.63
C THR A 195 4.12 27.72 -15.41
N SER B 2 4.71 16.96 15.39
CA SER B 2 3.47 16.99 14.62
C SER B 2 3.55 16.16 13.34
N GLY B 3 2.40 15.67 12.96
CA GLY B 3 2.23 14.84 11.78
C GLY B 3 1.26 13.71 12.08
N PRO B 4 0.98 12.89 11.07
CA PRO B 4 0.07 11.76 11.27
C PRO B 4 0.47 10.85 12.43
N ARG B 5 -0.52 10.34 13.19
CA ARG B 5 -0.22 9.42 14.27
C ARG B 5 0.24 8.10 13.64
N PRO B 6 1.29 7.47 14.19
CA PRO B 6 1.68 6.14 13.70
C PRO B 6 0.57 5.12 13.94
N VAL B 7 0.62 3.99 13.24
CA VAL B 7 -0.38 2.92 13.43
C VAL B 7 0.35 1.69 13.84
N VAL B 8 -0.04 1.09 14.94
CA VAL B 8 0.55 -0.14 15.41
C VAL B 8 -0.48 -1.21 15.05
N LEU B 9 -0.08 -2.13 14.17
CA LEU B 9 -0.90 -3.23 13.71
C LEU B 9 -0.42 -4.48 14.41
N SER B 10 -1.34 -5.16 15.09
CA SER B 10 -0.99 -6.39 15.77
C SER B 10 -2.10 -7.46 15.57
N GLY B 11 -2.06 -8.52 16.35
CA GLY B 11 -2.96 -9.64 16.16
C GLY B 11 -2.13 -10.88 15.92
N PRO B 12 -2.78 -12.06 15.88
CA PRO B 12 -2.02 -13.30 15.69
C PRO B 12 -1.24 -13.29 14.37
N SER B 13 -0.03 -13.89 14.37
CA SER B 13 0.73 -13.99 13.12
C SER B 13 -0.04 -14.88 12.14
N GLY B 14 -0.13 -14.41 10.89
CA GLY B 14 -0.88 -15.12 9.86
C GLY B 14 -2.37 -14.89 9.89
N ALA B 15 -2.89 -14.06 10.82
CA ALA B 15 -4.34 -13.76 10.84
C ALA B 15 -4.74 -12.61 9.93
N GLY B 16 -3.76 -11.97 9.25
CA GLY B 16 -4.05 -10.94 8.27
C GLY B 16 -3.29 -9.63 8.43
N LYS B 17 -2.76 -9.34 9.63
CA LYS B 17 -2.12 -8.04 9.87
C LYS B 17 -1.01 -7.69 8.86
N SER B 18 -0.14 -8.68 8.56
CA SER B 18 0.98 -8.39 7.65
C SER B 18 0.52 -8.21 6.23
N THR B 19 -0.50 -9.01 5.80
CA THR B 19 -1.06 -8.89 4.46
C THR B 19 -1.72 -7.51 4.31
N LEU B 20 -2.46 -7.07 5.34
CA LEU B 20 -3.11 -5.75 5.32
C LEU B 20 -2.10 -4.62 5.27
N LEU B 21 -1.00 -4.72 6.04
CA LEU B 21 0.06 -3.72 6.04
C LEU B 21 0.67 -3.61 4.63
N LYS B 22 0.98 -4.75 4.00
CA LYS B 22 1.56 -4.74 2.66
C LYS B 22 0.63 -4.11 1.64
N ARG B 23 -0.66 -4.45 1.71
CA ARG B 23 -1.67 -3.91 0.79
C ARG B 23 -1.83 -2.42 0.98
N LEU B 24 -1.84 -1.97 2.23
CA LEU B 24 -1.96 -0.55 2.60
C LEU B 24 -0.86 0.26 1.91
N LEU B 25 0.39 -0.18 2.08
CA LEU B 25 1.57 0.44 1.51
C LEU B 25 1.52 0.42 -0.01
N GLN B 26 1.20 -0.74 -0.59
CA GLN B 26 1.18 -0.91 -2.03
C GLN B 26 0.17 -0.01 -2.72
N GLU B 27 -1.04 0.09 -2.15
CA GLU B 27 -2.13 0.83 -2.75
C GLU B 27 -2.18 2.31 -2.49
N HIS B 28 -1.29 2.79 -1.63
CA HIS B 28 -1.39 4.23 -1.29
C HIS B 28 -0.12 4.95 -1.76
N SER B 29 -0.23 6.26 -2.02
CA SER B 29 0.91 7.06 -2.50
C SER B 29 1.07 8.31 -1.65
N GLY B 30 2.24 8.50 -1.06
CA GLY B 30 2.49 9.70 -0.24
C GLY B 30 1.82 9.66 1.13
N ILE B 31 1.30 8.50 1.56
CA ILE B 31 0.54 8.49 2.84
C ILE B 31 1.27 7.67 3.89
N PHE B 32 1.66 6.47 3.53
CA PHE B 32 2.25 5.60 4.52
C PHE B 32 3.74 5.50 4.38
N GLY B 33 4.37 5.19 5.49
CA GLY B 33 5.80 5.02 5.56
C GLY B 33 6.15 3.96 6.58
N PHE B 34 7.35 3.44 6.46
CA PHE B 34 7.87 2.46 7.40
C PHE B 34 9.18 3.02 7.90
N SER B 35 9.47 2.76 9.16
CA SER B 35 10.69 3.24 9.79
C SER B 35 11.86 2.31 9.46
N VAL B 36 13.05 2.85 9.53
CA VAL B 36 14.29 2.11 9.33
C VAL B 36 14.71 1.60 10.73
N SER B 37 14.79 0.29 10.87
CA SER B 37 15.16 -0.37 12.11
C SER B 37 16.65 -0.30 12.40
N HIS B 38 17.04 -0.43 13.68
CA HIS B 38 18.45 -0.60 14.08
C HIS B 38 18.71 -2.10 14.17
N THR B 39 19.95 -2.51 13.91
CA THR B 39 20.35 -3.90 14.15
C THR B 39 21.79 -3.95 14.63
N THR B 40 22.11 -4.96 15.43
CA THR B 40 23.50 -5.18 15.82
C THR B 40 24.21 -6.17 14.90
N ARG B 41 23.48 -6.78 13.94
CA ARG B 41 24.17 -7.71 13.02
C ARG B 41 25.06 -6.94 12.06
N ASN B 42 26.03 -7.64 11.46
CA ASN B 42 26.93 -7.01 10.51
C ASN B 42 26.14 -6.67 9.25
N PRO B 43 26.43 -5.52 8.62
CA PRO B 43 25.80 -5.24 7.32
C PRO B 43 26.28 -6.22 6.25
N ARG B 44 25.42 -6.50 5.31
CA ARG B 44 25.72 -7.41 4.21
C ARG B 44 25.91 -6.62 2.90
N PRO B 45 26.46 -7.26 1.85
CA PRO B 45 26.55 -6.59 0.53
C PRO B 45 25.22 -6.01 0.06
N GLY B 46 25.30 -4.77 -0.39
CA GLY B 46 24.13 -4.05 -0.87
C GLY B 46 23.43 -3.24 0.20
N GLU B 47 23.69 -3.55 1.47
CA GLU B 47 23.04 -2.83 2.56
C GLU B 47 23.69 -1.50 2.80
N GLU B 48 22.86 -0.51 3.12
CA GLU B 48 23.34 0.83 3.36
C GLU B 48 22.82 1.28 4.71
N ASN B 49 23.72 1.84 5.52
CA ASN B 49 23.41 2.36 6.85
C ASN B 49 22.41 3.51 6.69
N GLY B 50 21.35 3.48 7.46
CA GLY B 50 20.31 4.50 7.37
C GLY B 50 19.21 4.22 6.37
N LYS B 51 19.34 3.14 5.55
CA LYS B 51 18.32 2.79 4.59
C LYS B 51 17.80 1.40 4.87
N ASP B 52 18.68 0.38 4.90
CA ASP B 52 18.24 -0.99 5.18
C ASP B 52 18.07 -1.15 6.69
N TYR B 53 19.03 -0.64 7.44
CA TYR B 53 19.08 -0.63 8.90
C TYR B 53 20.04 0.46 9.34
N TYR B 54 19.97 0.84 10.61
CA TYR B 54 21.00 1.62 11.26
C TYR B 54 21.86 0.54 11.92
N PHE B 55 23.11 0.42 11.51
CA PHE B 55 24.01 -0.60 12.01
C PHE B 55 24.79 -0.11 13.22
N VAL B 56 24.53 -0.70 14.38
CA VAL B 56 25.19 -0.30 15.62
C VAL B 56 25.76 -1.52 16.36
N THR B 57 26.62 -1.29 17.37
CA THR B 57 27.16 -2.39 18.16
C THR B 57 26.13 -2.77 19.23
N ARG B 58 26.29 -3.96 19.80
CA ARG B 58 25.43 -4.44 20.88
C ARG B 58 25.53 -3.49 22.09
N GLU B 59 26.74 -3.00 22.37
CA GLU B 59 26.99 -2.11 23.50
C GLU B 59 26.18 -0.80 23.37
N VAL B 60 26.18 -0.22 22.18
CA VAL B 60 25.44 1.00 21.87
C VAL B 60 23.94 0.73 21.89
N MET B 61 23.49 -0.34 21.23
CA MET B 61 22.04 -0.61 21.19
C MET B 61 21.46 -0.87 22.58
N GLN B 62 22.21 -1.58 23.44
CA GLN B 62 21.77 -1.86 24.80
C GLN B 62 21.72 -0.59 25.63
N ARG B 63 22.71 0.31 25.44
CA ARG B 63 22.71 1.58 26.15
C ARG B 63 21.50 2.41 25.73
N ASP B 64 21.23 2.47 24.44
CA ASP B 64 20.12 3.25 23.87
C ASP B 64 18.76 2.69 24.22
N ILE B 65 18.63 1.36 24.28
CA ILE B 65 17.39 0.74 24.74
C ILE B 65 17.14 1.14 26.19
N ALA B 66 18.18 1.04 27.05
CA ALA B 66 18.04 1.41 28.46
C ALA B 66 17.70 2.90 28.63
N ALA B 67 18.23 3.75 27.76
CA ALA B 67 17.97 5.19 27.80
C ALA B 67 16.52 5.56 27.35
N GLY B 68 15.77 4.62 26.82
CA GLY B 68 14.40 4.88 26.38
C GLY B 68 14.30 5.36 24.93
N ASP B 69 15.34 5.08 24.12
CA ASP B 69 15.38 5.49 22.71
C ASP B 69 14.64 4.58 21.76
N PHE B 70 14.24 3.39 22.22
CA PHE B 70 13.55 2.46 21.37
C PHE B 70 12.12 2.27 21.77
N ILE B 71 11.25 2.11 20.80
CA ILE B 71 9.85 1.85 21.08
C ILE B 71 9.56 0.36 21.17
N GLU B 72 10.37 -0.48 20.52
CA GLU B 72 10.22 -1.92 20.56
C GLU B 72 11.54 -2.53 20.09
N HIS B 73 11.84 -3.72 20.58
CA HIS B 73 13.04 -4.43 20.15
C HIS B 73 12.89 -5.92 20.41
N ALA B 74 13.71 -6.73 19.75
CA ALA B 74 13.73 -8.17 19.96
C ALA B 74 15.06 -8.77 19.49
N GLU B 75 15.39 -9.96 19.97
CA GLU B 75 16.57 -10.70 19.60
C GLU B 75 16.17 -11.67 18.49
N PHE B 76 17.02 -11.80 17.46
CA PHE B 76 16.81 -12.74 16.38
C PHE B 76 18.14 -13.25 15.91
N SER B 77 18.34 -14.58 16.00
CA SER B 77 19.58 -15.25 15.57
C SER B 77 20.86 -14.63 16.18
N GLY B 78 20.80 -14.31 17.47
CA GLY B 78 21.96 -13.79 18.17
C GLY B 78 22.24 -12.31 17.98
N ASN B 79 21.29 -11.58 17.35
CA ASN B 79 21.45 -10.14 17.16
C ASN B 79 20.22 -9.36 17.58
N LEU B 80 20.41 -8.11 18.04
CA LEU B 80 19.28 -7.25 18.42
C LEU B 80 18.74 -6.49 17.22
N TYR B 81 17.43 -6.35 17.14
CA TYR B 81 16.75 -5.57 16.12
C TYR B 81 15.72 -4.72 16.83
N GLY B 82 15.48 -3.53 16.32
CA GLY B 82 14.49 -2.66 16.97
C GLY B 82 14.17 -1.38 16.26
N THR B 83 13.04 -0.80 16.66
CA THR B 83 12.59 0.43 16.08
C THR B 83 12.85 1.61 17.04
N SER B 84 13.67 2.59 16.64
CA SER B 84 13.92 3.75 17.50
C SER B 84 12.79 4.74 17.38
N LYS B 85 12.61 5.55 18.43
CA LYS B 85 11.61 6.61 18.40
C LYS B 85 11.96 7.61 17.25
N VAL B 86 13.26 7.90 17.10
CA VAL B 86 13.70 8.83 16.07
C VAL B 86 13.31 8.36 14.66
N ALA B 87 13.49 7.06 14.35
CA ALA B 87 13.13 6.52 13.04
C ALA B 87 11.62 6.66 12.74
N VAL B 88 10.79 6.52 13.78
CA VAL B 88 9.34 6.70 13.61
C VAL B 88 9.01 8.16 13.42
N GLN B 89 9.64 9.02 14.24
CA GLN B 89 9.40 10.45 14.15
C GLN B 89 9.90 10.99 12.80
N ALA B 90 10.91 10.36 12.18
CA ALA B 90 11.41 10.77 10.87
C ALA B 90 10.33 10.55 9.77
N VAL B 91 9.54 9.49 9.89
CA VAL B 91 8.43 9.23 8.96
C VAL B 91 7.30 10.25 9.23
N GLN B 92 6.99 10.47 10.51
CA GLN B 92 6.01 11.47 10.94
C GLN B 92 6.36 12.88 10.43
N ALA B 93 7.65 13.25 10.45
CA ALA B 93 8.16 14.54 9.98
C ALA B 93 7.88 14.76 8.48
N MET B 94 7.79 13.67 7.72
CA MET B 94 7.45 13.71 6.28
C MET B 94 5.94 13.73 6.03
N ASN B 95 5.12 13.94 7.09
CA ASN B 95 3.68 13.93 7.03
C ASN B 95 3.19 12.55 6.56
N ARG B 96 3.84 11.47 7.01
CA ARG B 96 3.42 10.11 6.63
C ARG B 96 3.00 9.33 7.85
N ILE B 97 2.11 8.34 7.66
CA ILE B 97 1.64 7.47 8.72
C ILE B 97 2.64 6.34 8.80
N CYS B 98 3.36 6.25 9.91
CA CYS B 98 4.33 5.17 10.10
C CYS B 98 3.61 3.92 10.55
N VAL B 99 3.69 2.85 9.75
CA VAL B 99 3.00 1.60 10.10
C VAL B 99 3.95 0.65 10.79
N LEU B 100 3.57 0.18 11.95
CA LEU B 100 4.39 -0.72 12.77
C LEU B 100 3.68 -2.07 12.92
N ASP B 101 4.23 -3.14 12.33
CA ASP B 101 3.62 -4.47 12.44
C ASP B 101 4.37 -5.20 13.55
N VAL B 102 3.73 -5.40 14.71
CA VAL B 102 4.43 -6.04 15.85
C VAL B 102 3.57 -7.10 16.55
N ASP B 103 4.18 -7.93 17.38
CA ASP B 103 3.43 -8.90 18.19
C ASP B 103 2.92 -8.20 19.48
N LEU B 104 2.21 -8.93 20.34
CA LEU B 104 1.67 -8.41 21.58
C LEU B 104 2.72 -7.77 22.47
N GLN B 105 3.90 -8.39 22.56
CA GLN B 105 5.00 -7.82 23.35
C GLN B 105 5.41 -6.44 22.82
N GLY B 106 5.42 -6.31 21.50
CA GLY B 106 5.73 -5.06 20.82
C GLY B 106 4.70 -4.00 21.13
N VAL B 107 3.41 -4.39 21.13
CA VAL B 107 2.32 -3.46 21.45
C VAL B 107 2.51 -2.88 22.87
N ARG B 108 2.80 -3.75 23.85
CA ARG B 108 3.00 -3.37 25.24
C ARG B 108 4.26 -2.49 25.40
N ASN B 109 5.32 -2.76 24.62
CA ASN B 109 6.55 -1.97 24.68
C ASN B 109 6.27 -0.56 24.14
N ILE B 110 5.52 -0.47 23.02
CA ILE B 110 5.19 0.81 22.42
C ILE B 110 4.23 1.63 23.32
N LYS B 111 3.34 0.95 24.05
CA LYS B 111 2.43 1.56 25.02
C LYS B 111 3.22 2.30 26.12
N ALA B 112 4.45 1.84 26.43
CA ALA B 112 5.33 2.40 27.45
C ALA B 112 6.17 3.57 26.98
N THR B 113 5.95 4.07 25.74
CA THR B 113 6.68 5.20 25.20
C THR B 113 5.74 6.43 25.15
N ASP B 114 6.28 7.62 24.84
CA ASP B 114 5.43 8.82 24.71
C ASP B 114 4.83 9.00 23.29
N LEU B 115 4.97 7.99 22.42
CA LEU B 115 4.34 8.00 21.10
C LEU B 115 2.83 7.83 21.31
N ARG B 116 2.02 8.39 20.42
CA ARG B 116 0.56 8.31 20.56
C ARG B 116 0.01 7.59 19.32
N PRO B 117 0.35 6.30 19.09
CA PRO B 117 -0.15 5.64 17.88
C PRO B 117 -1.61 5.24 18.01
N ILE B 118 -2.18 4.81 16.89
CA ILE B 118 -3.50 4.17 16.88
C ILE B 118 -3.17 2.67 16.93
N TYR B 119 -3.73 1.94 17.88
CA TYR B 119 -3.46 0.53 18.06
C TYR B 119 -4.59 -0.27 17.45
N ILE B 120 -4.26 -1.14 16.51
CA ILE B 120 -5.27 -1.93 15.81
C ILE B 120 -4.89 -3.39 15.87
N SER B 121 -5.84 -4.25 16.26
CA SER B 121 -5.59 -5.69 16.27
C SER B 121 -6.40 -6.33 15.15
N VAL B 122 -5.77 -7.20 14.38
CA VAL B 122 -6.43 -7.90 13.29
C VAL B 122 -6.56 -9.36 13.74
N GLN B 123 -7.79 -9.75 14.04
CA GLN B 123 -8.09 -11.05 14.61
C GLN B 123 -8.69 -12.03 13.61
N PRO B 124 -8.44 -13.33 13.77
CA PRO B 124 -9.19 -14.31 12.96
C PRO B 124 -10.63 -14.40 13.50
N PRO B 125 -11.61 -14.83 12.68
CA PRO B 125 -13.00 -15.00 13.16
C PRO B 125 -13.10 -15.96 14.34
N SER B 126 -12.21 -16.94 14.38
CA SER B 126 -12.14 -17.94 15.46
C SER B 126 -10.80 -18.63 15.39
N LEU B 127 -10.41 -19.33 16.47
CA LEU B 127 -9.17 -20.11 16.46
C LEU B 127 -9.24 -21.22 15.40
N HIS B 128 -10.43 -21.84 15.24
CA HIS B 128 -10.61 -22.89 14.23
C HIS B 128 -10.33 -22.34 12.81
N VAL B 129 -10.87 -21.16 12.51
CA VAL B 129 -10.68 -20.56 11.21
C VAL B 129 -9.21 -20.16 11.02
N LEU B 130 -8.54 -19.69 12.10
CA LEU B 130 -7.10 -19.39 12.00
C LEU B 130 -6.34 -20.67 11.69
N GLU B 131 -6.69 -21.77 12.39
CA GLU B 131 -6.08 -23.08 12.12
C GLU B 131 -6.26 -23.50 10.66
N GLN B 132 -7.48 -23.39 10.11
CA GLN B 132 -7.71 -23.79 8.73
C GLN B 132 -6.93 -22.89 7.73
N ARG B 133 -6.81 -21.61 8.03
CA ARG B 133 -6.05 -20.68 7.20
C ARG B 133 -4.55 -21.00 7.26
N LEU B 134 -4.03 -21.32 8.47
CA LEU B 134 -2.62 -21.70 8.65
C LEU B 134 -2.31 -23.05 7.98
N ARG B 135 -3.21 -24.01 8.09
CA ARG B 135 -3.01 -25.32 7.41
C ARG B 135 -2.95 -25.14 5.90
N GLN B 136 -3.75 -24.21 5.34
CA GLN B 136 -3.81 -24.01 3.88
C GLN B 136 -2.49 -23.44 3.37
N ARG B 137 -1.87 -22.60 4.18
CA ARG B 137 -0.68 -21.87 3.68
C ARG B 137 0.59 -22.50 4.23
N ASN B 138 1.02 -22.06 5.40
CA ASN B 138 2.24 -22.59 6.07
C ASN B 138 2.42 -24.07 5.81
N THR B 139 3.61 -24.45 5.34
CA THR B 139 3.97 -25.87 5.15
C THR B 139 4.58 -26.30 6.49
N GLU B 140 3.74 -26.68 7.45
CA GLU B 140 4.25 -26.91 8.83
C GLU B 140 3.84 -28.25 9.42
N THR B 141 4.55 -28.65 10.47
CA THR B 141 4.24 -29.88 11.22
C THR B 141 3.12 -29.58 12.20
N GLU B 142 2.30 -30.56 12.53
CA GLU B 142 1.21 -30.35 13.52
C GLU B 142 1.79 -29.74 14.79
N GLU B 143 2.96 -30.21 15.23
CA GLU B 143 3.55 -29.73 16.50
C GLU B 143 3.79 -28.23 16.38
N SER B 144 4.42 -27.85 15.28
CA SER B 144 4.65 -26.44 15.04
C SER B 144 3.32 -25.68 14.87
N LEU B 145 2.30 -26.32 14.28
CA LEU B 145 0.98 -25.70 14.16
C LEU B 145 0.37 -25.54 15.57
N VAL B 146 0.53 -26.56 16.44
CA VAL B 146 0.05 -26.51 17.82
C VAL B 146 0.70 -25.34 18.60
N LYS B 147 2.04 -25.18 18.52
CA LYS B 147 2.73 -24.07 19.19
C LYS B 147 2.25 -22.70 18.68
N ARG B 148 1.99 -22.59 17.39
CA ARG B 148 1.51 -21.36 16.79
C ARG B 148 0.09 -21.04 17.25
N LEU B 149 -0.76 -22.06 17.33
CA LEU B 149 -2.16 -21.87 17.74
C LEU B 149 -2.27 -21.48 19.23
N ALA B 150 -1.36 -22.01 20.06
CA ALA B 150 -1.34 -21.65 21.48
C ALA B 150 -0.95 -20.15 21.60
N ALA B 151 0.06 -19.68 20.83
CA ALA B 151 0.46 -18.27 20.86
C ALA B 151 -0.67 -17.38 20.34
N ALA B 152 -1.37 -17.85 19.30
CA ALA B 152 -2.49 -17.12 18.72
C ALA B 152 -3.64 -16.98 19.72
N GLN B 153 -3.99 -18.06 20.44
CA GLN B 153 -5.07 -17.99 21.42
C GLN B 153 -4.73 -16.99 22.54
N ALA B 154 -3.47 -16.94 22.97
CA ALA B 154 -3.03 -15.97 23.97
C ALA B 154 -3.22 -14.55 23.45
N ASP B 155 -2.89 -14.32 22.17
CA ASP B 155 -3.07 -13.03 21.54
C ASP B 155 -4.56 -12.67 21.44
N MET B 156 -5.40 -13.63 21.00
CA MET B 156 -6.84 -13.41 20.90
C MET B 156 -7.45 -13.06 22.26
N GLU B 157 -7.02 -13.75 23.32
CA GLU B 157 -7.51 -13.47 24.66
C GLU B 157 -7.09 -12.09 25.11
N SER B 158 -5.86 -11.70 24.80
CA SER B 158 -5.35 -10.39 25.18
C SER B 158 -5.97 -9.26 24.39
N SER B 159 -6.44 -9.50 23.16
CA SER B 159 -7.07 -8.46 22.35
C SER B 159 -8.35 -7.89 22.96
N LYS B 160 -8.99 -8.64 23.86
CA LYS B 160 -10.21 -8.24 24.57
C LYS B 160 -9.92 -7.31 25.76
N GLU B 161 -8.63 -7.12 26.15
CA GLU B 161 -8.24 -6.30 27.30
C GLU B 161 -8.70 -4.87 27.08
N PRO B 162 -9.50 -4.32 28.01
CA PRO B 162 -9.99 -2.95 27.83
C PRO B 162 -8.88 -1.92 27.61
N GLY B 163 -9.09 -1.04 26.65
CA GLY B 163 -8.11 0.02 26.36
C GLY B 163 -6.83 -0.42 25.68
N LEU B 164 -6.64 -1.74 25.46
CA LEU B 164 -5.41 -2.18 24.81
C LEU B 164 -5.38 -1.76 23.34
N PHE B 165 -6.45 -2.07 22.61
CA PHE B 165 -6.52 -1.68 21.20
C PHE B 165 -7.57 -0.62 21.01
N ASP B 166 -7.29 0.35 20.15
CA ASP B 166 -8.28 1.35 19.79
C ASP B 166 -9.34 0.68 18.89
N VAL B 167 -8.92 -0.21 17.98
CA VAL B 167 -9.84 -0.86 17.06
C VAL B 167 -9.49 -2.35 16.96
N VAL B 168 -10.47 -3.24 17.01
CA VAL B 168 -10.25 -4.66 16.81
C VAL B 168 -11.01 -5.05 15.55
N ILE B 169 -10.29 -5.43 14.51
CA ILE B 169 -10.89 -5.80 13.24
C ILE B 169 -10.88 -7.30 13.13
N ILE B 170 -12.06 -7.87 12.88
CA ILE B 170 -12.17 -9.30 12.65
C ILE B 170 -11.95 -9.56 11.17
N ASN B 171 -10.92 -10.31 10.83
CA ASN B 171 -10.61 -10.63 9.45
C ASN B 171 -11.48 -11.82 8.97
N ASP B 172 -12.75 -11.51 8.59
CA ASP B 172 -13.68 -12.50 8.00
C ASP B 172 -13.16 -12.78 6.58
N SER B 173 -12.87 -11.72 5.83
CA SER B 173 -12.23 -11.81 4.51
C SER B 173 -11.33 -10.59 4.34
N LEU B 174 -10.20 -10.77 3.64
CA LEU B 174 -9.20 -9.70 3.52
C LEU B 174 -9.76 -8.38 3.02
N ASP B 175 -10.65 -8.39 2.01
CA ASP B 175 -11.22 -7.15 1.48
C ASP B 175 -12.08 -6.44 2.52
N GLN B 176 -12.87 -7.21 3.31
CA GLN B 176 -13.71 -6.62 4.36
C GLN B 176 -12.81 -5.99 5.44
N ALA B 177 -11.78 -6.73 5.87
CA ALA B 177 -10.86 -6.26 6.91
C ALA B 177 -10.08 -5.03 6.46
N TYR B 178 -9.68 -5.01 5.20
CA TYR B 178 -8.93 -3.91 4.61
C TYR B 178 -9.80 -2.64 4.54
N ALA B 179 -11.09 -2.80 4.19
CA ALA B 179 -12.01 -1.66 4.17
C ALA B 179 -12.15 -1.07 5.61
N GLU B 180 -12.25 -1.92 6.63
CA GLU B 180 -12.37 -1.47 8.03
C GLU B 180 -11.08 -0.81 8.53
N LEU B 181 -9.92 -1.26 8.02
CA LEU B 181 -8.64 -0.69 8.39
C LEU B 181 -8.55 0.73 7.84
N LYS B 182 -8.95 0.93 6.58
CA LYS B 182 -8.99 2.26 5.97
C LYS B 182 -9.96 3.19 6.72
N GLU B 183 -11.13 2.67 7.11
CA GLU B 183 -12.09 3.45 7.90
C GLU B 183 -11.47 3.89 9.23
N ALA B 184 -10.78 2.98 9.95
CA ALA B 184 -10.16 3.30 11.22
C ALA B 184 -9.05 4.36 11.08
N LEU B 185 -8.38 4.40 9.93
CA LEU B 185 -7.31 5.38 9.72
C LEU B 185 -7.73 6.60 8.86
N SER B 186 -8.99 6.73 8.50
CA SER B 186 -9.45 7.80 7.61
C SER B 186 -9.05 9.24 8.07
N GLU B 187 -9.14 9.53 9.37
CA GLU B 187 -8.73 10.85 9.89
C GLU B 187 -7.23 11.10 9.72
N GLU B 188 -6.40 10.07 9.94
CA GLU B 188 -4.96 10.22 9.77
C GLU B 188 -4.57 10.22 8.29
N ILE B 189 -5.32 9.51 7.44
CA ILE B 189 -5.07 9.51 5.99
C ILE B 189 -5.37 10.92 5.46
N LYS B 190 -6.46 11.57 5.93
CA LYS B 190 -6.80 12.92 5.51
C LYS B 190 -5.67 13.92 5.81
N LYS B 191 -4.99 13.73 6.96
CA LYS B 191 -3.88 14.58 7.38
C LYS B 191 -2.67 14.36 6.45
N ALA B 192 -2.38 13.10 6.13
CA ALA B 192 -1.26 12.77 5.24
C ALA B 192 -1.52 13.15 3.77
N GLN B 193 -2.80 13.23 3.37
CA GLN B 193 -3.21 13.58 2.01
C GLN B 193 -3.03 15.06 1.72
N ARG B 194 -3.28 15.91 2.72
CA ARG B 194 -3.07 17.34 2.56
C ARG B 194 -1.63 17.70 2.18
#